data_1WDI
#
_entry.id   1WDI
#
_cell.length_a   76.791
_cell.length_b   77.275
_cell.length_c   73.561
_cell.angle_alpha   90.00
_cell.angle_beta   90.00
_cell.angle_gamma   90.00
#
_symmetry.space_group_name_H-M   'P 21 21 2'
#
loop_
_entity.id
_entity.type
_entity.pdbx_description
1 polymer 'hypothetical protein TT0907'
2 non-polymer 'CITRIC ACID'
3 water water
#
_entity_poly.entity_id   1
_entity_poly.type   'polypeptide(L)'
_entity_poly.pdbx_seq_one_letter_code
;MEGLEAYDYHLPPEQIAQEGVEPRDMARLMVVYREGPFRVAHKRVRDLPEFLRPGDVLVFNESKVIPARLLARKPTGGKV
EILLVRERSPGLWEALLGPARKAPPGTRLLLLSPKDLAPVPGLQAEVVAVEEDGVRLLRFQGDLVAHLEEVGEVPLPPYI
KAKIPMERYQTVYARRPGSVAAPTAGLHFTPELLERLREMGVELRFLTLHVGPGTFRPVKGDPEKHEMHAEPYAIPEEVA
EAVNRAKAEGRRVVAVGTTVVRALESAYREGVGVVAGEGETRLFIRPPYTFKVVDALFTNFHLPRSTLLMLVAAFLGRER
TLEAYRLAVAEGYRFYSLGDAMLIL
;
_entity_poly.pdbx_strand_id   A
#
loop_
_chem_comp.id
_chem_comp.type
_chem_comp.name
_chem_comp.formula
CIT non-polymer 'CITRIC ACID' 'C6 H8 O7'
#
# COMPACT_ATOMS: atom_id res chain seq x y z
N GLU A 2 28.98 -3.82 -8.26
CA GLU A 2 27.71 -3.17 -8.53
C GLU A 2 26.58 -3.93 -7.83
N GLY A 3 25.60 -4.37 -8.61
CA GLY A 3 24.48 -5.11 -8.04
C GLY A 3 23.56 -4.25 -7.19
N LEU A 4 23.50 -4.56 -5.89
CA LEU A 4 22.66 -3.82 -4.97
C LEU A 4 23.33 -2.50 -4.62
N GLU A 5 24.62 -2.40 -4.93
CA GLU A 5 25.39 -1.19 -4.65
C GLU A 5 25.01 -0.08 -5.61
N ALA A 6 24.34 -0.43 -6.70
CA ALA A 6 23.92 0.53 -7.71
C ALA A 6 22.76 1.39 -7.19
N TYR A 7 22.08 0.89 -6.16
CA TYR A 7 20.95 1.60 -5.56
C TYR A 7 21.25 1.92 -4.11
N ASP A 8 22.50 2.28 -3.84
CA ASP A 8 22.91 2.61 -2.48
C ASP A 8 23.21 4.10 -2.36
N TYR A 9 22.97 4.64 -1.17
CA TYR A 9 23.25 6.04 -0.88
C TYR A 9 23.32 6.15 0.63
N HIS A 10 23.97 7.20 1.13
CA HIS A 10 24.09 7.38 2.56
C HIS A 10 22.86 8.05 3.16
N LEU A 11 22.23 7.35 4.09
CA LEU A 11 21.04 7.87 4.75
C LEU A 11 21.29 8.02 6.24
N PRO A 12 21.55 9.24 6.71
CA PRO A 12 21.79 9.44 8.14
C PRO A 12 20.60 8.86 8.90
N PRO A 13 20.85 7.94 9.84
CA PRO A 13 19.77 7.32 10.60
C PRO A 13 18.82 8.34 11.23
N GLU A 14 19.34 9.52 11.52
CA GLU A 14 18.55 10.59 12.14
C GLU A 14 17.45 11.13 11.22
N GLN A 15 17.65 11.02 9.92
CA GLN A 15 16.66 11.54 8.98
C GLN A 15 15.53 10.57 8.65
N ILE A 16 15.49 9.45 9.38
CA ILE A 16 14.40 8.49 9.19
C ILE A 16 13.35 8.89 10.21
N ALA A 17 12.29 9.53 9.72
CA ALA A 17 11.20 10.02 10.57
C ALA A 17 10.69 9.04 11.61
N GLN A 18 10.69 9.47 12.86
CA GLN A 18 10.21 8.66 13.98
C GLN A 18 8.78 9.04 14.30
N GLU A 19 8.31 10.12 13.69
CA GLU A 19 6.94 10.60 13.89
C GLU A 19 6.54 11.48 12.70
N GLY A 20 5.25 11.49 12.39
CA GLY A 20 4.77 12.29 11.29
C GLY A 20 4.53 13.74 11.66
N VAL A 21 4.44 14.58 10.64
CA VAL A 21 4.21 16.01 10.85
C VAL A 21 2.70 16.27 10.88
N GLU A 22 2.31 17.36 11.55
CA GLU A 22 0.91 17.74 11.66
C GLU A 22 0.80 19.23 11.34
N PRO A 23 -0.10 19.61 10.41
CA PRO A 23 -0.98 18.72 9.66
C PRO A 23 -0.12 17.82 8.77
N ARG A 24 -0.70 16.70 8.33
CA ARG A 24 0.05 15.76 7.51
C ARG A 24 0.54 16.34 6.17
N ASP A 25 -0.23 17.25 5.59
CA ASP A 25 0.15 17.83 4.31
C ASP A 25 1.19 18.95 4.42
N MET A 26 1.80 19.09 5.60
CA MET A 26 2.85 20.08 5.77
C MET A 26 4.19 19.39 5.61
N ALA A 27 4.15 18.08 5.38
CA ALA A 27 5.37 17.32 5.14
C ALA A 27 5.97 17.91 3.86
N ARG A 28 7.29 17.87 3.73
CA ARG A 28 7.92 18.43 2.54
C ARG A 28 7.63 17.58 1.30
N LEU A 29 7.69 18.21 0.14
CA LEU A 29 7.45 17.54 -1.12
C LEU A 29 8.52 17.94 -2.13
N MET A 30 9.30 16.96 -2.59
CA MET A 30 10.32 17.25 -3.58
C MET A 30 9.72 16.89 -4.93
N VAL A 31 9.63 17.88 -5.82
CA VAL A 31 9.10 17.63 -7.15
C VAL A 31 10.30 17.48 -8.09
N VAL A 32 10.37 16.35 -8.79
CA VAL A 32 11.47 16.13 -9.73
C VAL A 32 10.91 15.66 -11.07
N TYR A 33 11.55 16.05 -12.17
CA TYR A 33 11.07 15.69 -13.50
C TYR A 33 11.84 14.55 -14.18
N ARG A 34 11.10 13.65 -14.83
CA ARG A 34 11.65 12.49 -15.54
C ARG A 34 12.42 12.93 -16.78
N GLU A 35 11.86 13.92 -17.48
CA GLU A 35 12.44 14.43 -18.71
C GLU A 35 13.05 15.82 -18.54
N GLY A 36 13.84 16.21 -19.54
CA GLY A 36 14.49 17.51 -19.49
C GLY A 36 15.63 17.52 -18.49
N PRO A 37 16.25 18.70 -18.26
CA PRO A 37 17.36 18.85 -17.32
C PRO A 37 16.99 18.47 -15.90
N PHE A 38 18.01 18.17 -15.09
CA PHE A 38 17.80 17.85 -13.70
C PHE A 38 17.24 19.13 -13.07
N ARG A 39 16.09 19.02 -12.41
CA ARG A 39 15.49 20.17 -11.77
C ARG A 39 14.44 19.72 -10.77
N VAL A 40 14.43 20.36 -9.62
CA VAL A 40 13.49 20.00 -8.58
C VAL A 40 12.88 21.26 -7.97
N ALA A 41 11.75 21.09 -7.30
CA ALA A 41 11.09 22.18 -6.62
C ALA A 41 10.98 21.67 -5.19
N HIS A 42 11.37 22.50 -4.23
CA HIS A 42 11.29 22.11 -2.82
C HIS A 42 10.01 22.72 -2.28
N LYS A 43 8.98 21.87 -2.16
CA LYS A 43 7.67 22.28 -1.70
C LYS A 43 7.19 21.51 -0.49
N ARG A 44 5.88 21.51 -0.32
CA ARG A 44 5.22 20.78 0.75
C ARG A 44 4.10 20.02 0.07
N VAL A 45 3.63 18.95 0.68
CA VAL A 45 2.55 18.16 0.09
C VAL A 45 1.33 19.03 -0.21
N ARG A 46 1.06 20.01 0.64
CA ARG A 46 -0.09 20.87 0.41
C ARG A 46 0.01 21.64 -0.92
N ASP A 47 1.21 21.69 -1.49
CA ASP A 47 1.40 22.41 -2.76
C ASP A 47 1.12 21.57 -3.99
N LEU A 48 0.76 20.31 -3.78
CA LEU A 48 0.48 19.39 -4.88
C LEU A 48 -0.44 19.96 -5.97
N PRO A 49 -1.51 20.70 -5.60
CA PRO A 49 -2.42 21.27 -6.60
C PRO A 49 -1.72 22.11 -7.67
N GLU A 50 -0.61 22.75 -7.27
CA GLU A 50 0.17 23.58 -8.18
C GLU A 50 0.76 22.78 -9.32
N PHE A 51 1.05 21.51 -9.07
CA PHE A 51 1.66 20.66 -10.08
C PHE A 51 0.70 19.75 -10.83
N LEU A 52 -0.57 19.78 -10.45
CA LEU A 52 -1.54 18.96 -11.14
C LEU A 52 -2.40 19.89 -11.98
N ARG A 53 -3.33 19.33 -12.72
CA ARG A 53 -4.23 20.16 -13.52
C ARG A 53 -5.57 19.47 -13.72
N PRO A 54 -6.62 20.26 -14.00
CA PRO A 54 -7.93 19.64 -14.19
C PRO A 54 -7.85 18.52 -15.22
N GLY A 55 -8.43 17.37 -14.88
CA GLY A 55 -8.37 16.25 -15.81
C GLY A 55 -7.38 15.20 -15.34
N ASP A 56 -6.42 15.58 -14.50
CA ASP A 56 -5.47 14.61 -13.99
C ASP A 56 -6.28 13.59 -13.21
N VAL A 57 -5.86 12.33 -13.26
CA VAL A 57 -6.54 11.28 -12.53
C VAL A 57 -5.61 10.81 -11.43
N LEU A 58 -5.97 11.10 -10.19
CA LEU A 58 -5.18 10.72 -9.03
C LEU A 58 -5.74 9.39 -8.50
N VAL A 59 -4.92 8.35 -8.52
CA VAL A 59 -5.33 7.03 -8.07
C VAL A 59 -4.65 6.65 -6.75
N PHE A 60 -5.46 6.33 -5.75
CA PHE A 60 -5.00 5.94 -4.43
C PHE A 60 -5.35 4.49 -4.17
N ASN A 61 -4.84 3.98 -3.05
CA ASN A 61 -5.17 2.62 -2.65
C ASN A 61 -5.80 2.71 -1.26
N GLU A 62 -6.89 2.00 -1.06
CA GLU A 62 -7.53 1.97 0.24
C GLU A 62 -7.56 0.50 0.63
N SER A 63 -6.89 0.18 1.73
CA SER A 63 -6.83 -1.20 2.20
C SER A 63 -8.18 -1.72 2.65
N LYS A 64 -8.48 -2.95 2.23
CA LYS A 64 -9.73 -3.60 2.61
C LYS A 64 -9.36 -4.90 3.30
N VAL A 65 -9.84 -5.07 4.54
CA VAL A 65 -9.53 -6.28 5.29
C VAL A 65 -10.37 -7.46 4.85
N ILE A 66 -9.70 -8.60 4.69
CA ILE A 66 -10.37 -9.83 4.31
C ILE A 66 -10.25 -10.79 5.50
N PRO A 67 -11.34 -10.92 6.29
CA PRO A 67 -11.38 -11.79 7.47
C PRO A 67 -11.08 -13.25 7.15
N ALA A 68 -10.86 -14.04 8.20
CA ALA A 68 -10.56 -15.46 8.04
C ALA A 68 -11.66 -16.33 8.63
N ARG A 69 -12.12 -17.29 7.83
CA ARG A 69 -13.18 -18.21 8.25
C ARG A 69 -12.52 -19.33 9.05
N LEU A 70 -12.71 -19.31 10.37
CA LEU A 70 -12.12 -20.34 11.22
C LEU A 70 -13.17 -21.14 11.96
N LEU A 71 -12.90 -22.44 12.11
CA LEU A 71 -13.81 -23.33 12.82
C LEU A 71 -13.12 -23.86 14.08
N ALA A 72 -13.75 -23.64 15.23
CA ALA A 72 -13.19 -24.09 16.49
C ALA A 72 -14.07 -25.13 17.17
N ARG A 73 -13.85 -25.31 18.47
CA ARG A 73 -14.60 -26.26 19.28
C ARG A 73 -14.10 -26.19 20.72
N LYS A 74 -14.96 -25.77 21.63
CA LYS A 74 -14.57 -25.69 23.04
C LYS A 74 -14.23 -27.10 23.52
N PRO A 75 -13.26 -27.23 24.42
CA PRO A 75 -12.86 -28.54 24.95
C PRO A 75 -14.06 -29.38 25.39
N THR A 76 -15.12 -28.70 25.84
CA THR A 76 -16.33 -29.37 26.30
C THR A 76 -17.07 -30.04 25.15
N GLY A 77 -17.06 -29.42 23.97
CA GLY A 77 -17.73 -29.99 22.82
C GLY A 77 -18.52 -29.03 21.94
N GLY A 78 -18.66 -27.78 22.39
CA GLY A 78 -19.42 -26.81 21.62
C GLY A 78 -18.69 -26.16 20.45
N LYS A 79 -19.36 -26.13 19.29
CA LYS A 79 -18.81 -25.52 18.08
C LYS A 79 -18.84 -24.00 18.21
N VAL A 80 -17.97 -23.33 17.45
CA VAL A 80 -17.91 -21.87 17.47
C VAL A 80 -17.11 -21.31 16.31
N GLU A 81 -17.77 -20.47 15.51
CA GLU A 81 -17.11 -19.86 14.35
C GLU A 81 -16.18 -18.75 14.81
N ILE A 82 -15.11 -18.54 14.05
CA ILE A 82 -14.15 -17.50 14.39
C ILE A 82 -13.74 -16.71 13.15
N LEU A 83 -14.28 -15.51 13.01
CA LEU A 83 -13.94 -14.65 11.88
C LEU A 83 -12.78 -13.76 12.27
N LEU A 84 -11.57 -14.26 12.07
CA LEU A 84 -10.37 -13.51 12.39
C LEU A 84 -10.28 -12.30 11.46
N VAL A 85 -10.40 -11.10 12.03
CA VAL A 85 -10.37 -9.89 11.23
C VAL A 85 -9.00 -9.21 11.12
N ARG A 86 -8.43 -8.81 12.25
CA ARG A 86 -7.14 -8.13 12.24
C ARG A 86 -6.45 -8.12 13.60
N GLU A 87 -5.30 -7.45 13.67
CA GLU A 87 -4.51 -7.33 14.89
C GLU A 87 -3.77 -8.62 15.19
N ARG A 88 -2.66 -8.83 14.50
CA ARG A 88 -1.85 -10.04 14.69
C ARG A 88 -0.63 -9.72 15.55
N ALA A 95 -4.96 -11.55 14.36
CA ALA A 95 -4.89 -12.68 15.27
C ALA A 95 -5.25 -12.28 16.70
N LEU A 96 -6.23 -11.39 16.83
CA LEU A 96 -6.66 -10.93 18.14
C LEU A 96 -8.10 -10.44 18.11
N LEU A 97 -8.48 -9.81 17.00
CA LEU A 97 -9.84 -9.30 16.83
C LEU A 97 -10.67 -10.25 15.99
N GLY A 98 -11.89 -10.52 16.45
CA GLY A 98 -12.80 -11.42 15.73
C GLY A 98 -14.19 -11.41 16.35
N PRO A 99 -15.08 -12.24 15.82
CA PRO A 99 -16.45 -12.33 16.33
C PRO A 99 -17.27 -13.37 15.57
N ALA A 100 -18.01 -14.19 16.31
CA ALA A 100 -18.86 -15.22 15.71
C ALA A 100 -19.44 -16.16 16.78
N ARG A 101 -20.69 -16.55 16.60
CA ARG A 101 -21.38 -17.44 17.53
C ARG A 101 -21.54 -16.82 18.92
N LYS A 102 -22.09 -17.60 19.85
CA LYS A 102 -22.29 -17.14 21.23
C LYS A 102 -21.15 -17.62 22.13
N ALA A 103 -21.50 -18.33 23.20
CA ALA A 103 -20.51 -18.85 24.14
C ALA A 103 -19.67 -17.76 24.80
N PRO A 104 -19.92 -17.50 26.07
CA PRO A 104 -19.20 -16.48 26.82
C PRO A 104 -17.70 -16.68 26.77
N PRO A 105 -16.96 -15.71 27.31
CA PRO A 105 -15.50 -15.75 27.33
C PRO A 105 -14.99 -17.08 27.85
N GLY A 106 -14.48 -17.91 26.95
CA GLY A 106 -13.95 -19.23 27.32
C GLY A 106 -12.72 -19.59 26.49
N THR A 107 -12.49 -20.89 26.31
CA THR A 107 -11.35 -21.37 25.54
C THR A 107 -11.84 -22.25 24.38
N ARG A 108 -11.11 -22.21 23.27
CA ARG A 108 -11.49 -23.00 22.10
C ARG A 108 -10.30 -23.63 21.40
N LEU A 109 -10.56 -24.75 20.73
CA LEU A 109 -9.53 -25.47 20.00
C LEU A 109 -9.73 -25.28 18.49
N LEU A 110 -8.67 -24.84 17.81
CA LEU A 110 -8.75 -24.61 16.37
C LEU A 110 -8.89 -25.95 15.65
N LEU A 111 -9.89 -26.07 14.80
CA LEU A 111 -10.12 -27.30 14.05
C LEU A 111 -9.63 -27.18 12.62
N LEU A 112 -8.95 -28.22 12.14
CA LEU A 112 -8.43 -28.24 10.78
C LEU A 112 -9.58 -28.18 9.79
N SER A 113 -9.51 -27.23 8.87
CA SER A 113 -10.56 -27.06 7.86
C SER A 113 -10.83 -28.36 7.12
N PRO A 114 -9.98 -28.67 6.15
CA PRO A 114 -10.13 -29.89 5.37
C PRO A 114 -9.51 -31.08 6.12
N LYS A 115 -8.18 -31.09 6.20
CA LYS A 115 -7.43 -32.15 6.88
C LYS A 115 -8.29 -33.29 7.38
N ASP A 116 -8.96 -33.08 8.51
CA ASP A 116 -9.83 -34.09 9.10
C ASP A 116 -10.77 -33.46 10.13
N LEU A 117 -10.90 -32.14 10.06
CA LEU A 117 -11.76 -31.41 11.00
C LEU A 117 -11.32 -31.70 12.43
N ALA A 118 -10.09 -32.17 12.58
CA ALA A 118 -9.54 -32.50 13.89
C ALA A 118 -8.84 -31.31 14.53
N PRO A 119 -8.72 -31.33 15.85
CA PRO A 119 -8.08 -30.25 16.59
C PRO A 119 -6.63 -30.06 16.17
N VAL A 120 -6.33 -28.87 15.64
CA VAL A 120 -4.98 -28.56 15.20
C VAL A 120 -4.08 -28.54 16.44
N PRO A 121 -3.05 -29.39 16.43
CA PRO A 121 -2.12 -29.49 17.54
C PRO A 121 -1.64 -28.13 18.04
N GLY A 122 -1.72 -27.91 19.35
CA GLY A 122 -1.28 -26.67 19.98
C GLY A 122 -2.19 -25.46 19.71
N LEU A 123 -2.81 -25.44 18.54
CA LEU A 123 -3.68 -24.32 18.17
C LEU A 123 -4.84 -24.15 19.15
N GLN A 124 -4.79 -23.07 19.93
CA GLN A 124 -5.83 -22.79 20.90
C GLN A 124 -6.06 -21.28 21.03
N ALA A 125 -7.15 -20.91 21.69
CA ALA A 125 -7.48 -19.51 21.89
C ALA A 125 -8.53 -19.36 22.99
N GLU A 126 -8.55 -18.18 23.62
CA GLU A 126 -9.51 -17.91 24.69
C GLU A 126 -10.05 -16.49 24.59
N VAL A 127 -11.37 -16.36 24.70
CA VAL A 127 -12.02 -15.06 24.64
C VAL A 127 -11.56 -14.16 25.80
N VAL A 128 -10.95 -13.03 25.45
CA VAL A 128 -10.46 -12.10 26.45
C VAL A 128 -11.47 -10.98 26.75
N ALA A 129 -11.20 -9.79 26.21
CA ALA A 129 -12.08 -8.64 26.41
C ALA A 129 -13.21 -8.59 25.39
N VAL A 130 -13.65 -7.38 25.05
CA VAL A 130 -14.73 -7.19 24.09
C VAL A 130 -14.62 -5.83 23.40
N GLU A 131 -14.67 -5.85 22.07
CA GLU A 131 -14.59 -4.63 21.27
C GLU A 131 -13.40 -3.76 21.66
N GLU A 132 -12.23 -4.38 21.74
CA GLU A 132 -10.99 -3.67 22.11
C GLU A 132 -10.07 -3.55 20.89
N ASP A 133 -8.77 -3.75 21.12
CA ASP A 133 -7.79 -3.66 20.04
C ASP A 133 -6.42 -4.12 20.51
N LEU A 144 -11.44 -9.63 19.88
CA LEU A 144 -11.97 -10.05 21.18
C LEU A 144 -11.60 -11.49 21.46
N VAL A 145 -10.31 -11.80 21.41
CA VAL A 145 -9.83 -13.15 21.67
C VAL A 145 -8.30 -13.21 21.71
N ALA A 146 -7.78 -14.25 22.35
CA ALA A 146 -6.33 -14.45 22.47
C ALA A 146 -6.00 -15.91 22.14
N HIS A 147 -5.29 -16.10 21.04
CA HIS A 147 -4.92 -17.44 20.60
C HIS A 147 -3.48 -17.81 20.98
N LEU A 148 -3.17 -19.10 20.87
CA LEU A 148 -1.85 -19.60 21.20
C LEU A 148 -1.35 -20.51 20.08
N GLU A 149 -0.08 -20.88 20.13
CA GLU A 149 0.54 -21.74 19.12
C GLU A 149 0.69 -21.00 17.79
N GLU A 150 1.14 -21.72 16.76
CA GLU A 150 1.34 -21.14 15.44
C GLU A 150 0.08 -21.27 14.56
N VAL A 151 -0.45 -20.14 14.13
CA VAL A 151 -1.65 -20.12 13.30
C VAL A 151 -1.51 -20.98 12.05
N GLY A 152 -2.65 -21.33 11.46
CA GLY A 152 -2.67 -22.15 10.25
C GLY A 152 -2.74 -21.29 9.00
N GLU A 153 -1.94 -21.64 8.00
CA GLU A 153 -1.91 -20.89 6.75
C GLU A 153 -3.25 -20.99 6.02
N VAL A 154 -3.50 -22.16 5.42
CA VAL A 154 -4.74 -22.39 4.69
C VAL A 154 -5.94 -22.16 5.59
N PRO A 155 -6.98 -21.55 5.05
CA PRO A 155 -8.19 -21.27 5.81
C PRO A 155 -9.30 -20.70 4.92
N ALA A 181 -2.66 -1.90 9.19
CA ALA A 181 -2.15 -0.75 9.92
C ALA A 181 -0.68 -0.52 9.58
N ALA A 182 -0.42 0.44 8.69
CA ALA A 182 0.95 0.77 8.28
C ALA A 182 0.97 2.02 7.41
N PRO A 183 1.74 3.04 7.83
CA PRO A 183 1.87 4.32 7.12
C PRO A 183 2.35 4.18 5.68
N THR A 184 1.70 4.91 4.77
CA THR A 184 2.07 4.88 3.36
C THR A 184 1.94 6.29 2.75
N ALA A 185 2.33 6.42 1.48
CA ALA A 185 2.28 7.72 0.80
C ALA A 185 0.95 8.44 0.96
N GLY A 186 -0.15 7.68 0.94
CA GLY A 186 -1.46 8.27 1.08
C GLY A 186 -1.71 8.98 2.40
N LEU A 187 -0.90 8.66 3.42
CA LEU A 187 -1.05 9.27 4.74
C LEU A 187 -0.83 10.78 4.72
N HIS A 188 -0.08 11.25 3.72
CA HIS A 188 0.23 12.67 3.59
C HIS A 188 -0.96 13.57 3.25
N PHE A 189 -2.01 12.96 2.72
CA PHE A 189 -3.19 13.72 2.33
C PHE A 189 -4.14 13.98 3.51
N THR A 190 -4.80 15.13 3.45
CA THR A 190 -5.75 15.53 4.47
C THR A 190 -7.07 15.77 3.76
N PRO A 191 -8.18 15.82 4.51
CA PRO A 191 -9.48 16.07 3.87
C PRO A 191 -9.42 17.39 3.11
N GLU A 192 -8.70 18.37 3.65
CA GLU A 192 -8.57 19.68 3.02
C GLU A 192 -7.87 19.58 1.66
N LEU A 193 -6.74 18.89 1.63
CA LEU A 193 -5.99 18.72 0.38
C LEU A 193 -6.85 18.02 -0.65
N LEU A 194 -7.53 16.97 -0.22
CA LEU A 194 -8.39 16.23 -1.13
C LEU A 194 -9.47 17.15 -1.70
N GLU A 195 -10.10 17.97 -0.85
CA GLU A 195 -11.14 18.87 -1.32
C GLU A 195 -10.58 19.89 -2.32
N ARG A 196 -9.42 20.46 -2.00
CA ARG A 196 -8.82 21.44 -2.90
C ARG A 196 -8.60 20.78 -4.27
N LEU A 197 -8.19 19.51 -4.28
CA LEU A 197 -7.96 18.80 -5.52
C LEU A 197 -9.28 18.64 -6.29
N ARG A 198 -10.36 18.31 -5.57
CA ARG A 198 -11.67 18.15 -6.21
C ARG A 198 -12.05 19.49 -6.83
N GLU A 199 -11.88 20.55 -6.06
CA GLU A 199 -12.22 21.88 -6.53
C GLU A 199 -11.49 22.30 -7.80
N MET A 200 -10.33 21.72 -8.07
CA MET A 200 -9.63 22.09 -9.29
C MET A 200 -9.83 21.05 -10.39
N GLY A 201 -10.81 20.18 -10.22
CA GLY A 201 -11.10 19.18 -11.24
C GLY A 201 -10.18 17.96 -11.32
N VAL A 202 -9.47 17.66 -10.25
CA VAL A 202 -8.60 16.49 -10.25
C VAL A 202 -9.42 15.28 -9.80
N GLU A 203 -9.42 14.24 -10.62
CA GLU A 203 -10.18 13.05 -10.28
C GLU A 203 -9.50 12.33 -9.13
N LEU A 204 -10.31 11.82 -8.22
CA LEU A 204 -9.81 11.09 -7.06
C LEU A 204 -10.38 9.68 -7.17
N ARG A 205 -9.55 8.73 -7.59
CA ARG A 205 -9.99 7.35 -7.77
C ARG A 205 -9.29 6.41 -6.80
N PHE A 206 -10.02 5.42 -6.29
CA PHE A 206 -9.46 4.47 -5.34
C PHE A 206 -9.58 2.99 -5.73
N LEU A 207 -8.44 2.29 -5.75
CA LEU A 207 -8.46 0.86 -6.02
C LEU A 207 -8.29 0.20 -4.65
N THR A 208 -8.48 -1.11 -4.59
CA THR A 208 -8.39 -1.82 -3.31
C THR A 208 -7.23 -2.78 -3.14
N LEU A 209 -6.53 -2.65 -2.02
CA LEU A 209 -5.45 -3.57 -1.69
C LEU A 209 -6.05 -4.52 -0.65
N HIS A 210 -6.04 -5.82 -0.94
CA HIS A 210 -6.59 -6.77 0.03
C HIS A 210 -5.56 -7.09 1.10
N VAL A 211 -5.98 -6.98 2.37
CA VAL A 211 -5.10 -7.28 3.50
C VAL A 211 -5.88 -8.09 4.52
N GLY A 212 -5.20 -8.57 5.54
CA GLY A 212 -5.88 -9.34 6.58
C GLY A 212 -5.66 -10.83 6.49
N PRO A 213 -6.07 -11.59 7.52
CA PRO A 213 -5.95 -13.05 7.60
C PRO A 213 -6.42 -13.78 6.36
N GLY A 214 -7.53 -13.32 5.79
CA GLY A 214 -8.09 -13.95 4.61
C GLY A 214 -7.22 -13.95 3.37
N THR A 215 -6.04 -13.33 3.44
CA THR A 215 -5.14 -13.29 2.29
C THR A 215 -3.90 -14.15 2.49
N PHE A 216 -3.59 -14.46 3.74
CA PHE A 216 -2.42 -15.29 4.06
C PHE A 216 -2.29 -16.51 3.17
N ARG A 217 -1.06 -16.91 2.88
CA ARG A 217 -0.78 -18.06 2.04
C ARG A 217 0.42 -18.86 2.56
N PRO A 218 1.48 -18.17 3.00
CA PRO A 218 2.67 -18.86 3.51
C PRO A 218 2.35 -19.72 4.73
N MET A 228 8.85 -12.20 -4.97
CA MET A 228 8.53 -11.03 -4.17
C MET A 228 7.18 -11.19 -3.47
N HIS A 229 6.97 -10.40 -2.42
CA HIS A 229 5.73 -10.42 -1.66
C HIS A 229 4.53 -10.18 -2.58
N ALA A 230 3.74 -11.22 -2.83
CA ALA A 230 2.57 -11.11 -3.69
C ALA A 230 1.62 -10.03 -3.17
N GLU A 231 0.98 -9.30 -4.07
CA GLU A 231 0.06 -8.25 -3.69
C GLU A 231 -1.32 -8.47 -4.30
N PRO A 232 -2.29 -8.89 -3.48
CA PRO A 232 -3.66 -9.12 -3.96
C PRO A 232 -4.41 -7.80 -3.95
N TYR A 233 -5.09 -7.48 -5.05
CA TYR A 233 -5.80 -6.21 -5.15
C TYR A 233 -7.08 -6.34 -5.96
N ALA A 234 -7.89 -5.28 -5.94
CA ALA A 234 -9.12 -5.26 -6.70
C ALA A 234 -9.28 -3.86 -7.28
N ILE A 235 -9.58 -3.79 -8.56
CA ILE A 235 -9.79 -2.51 -9.21
C ILE A 235 -11.25 -2.35 -9.59
N PRO A 236 -11.95 -1.39 -8.95
CA PRO A 236 -13.36 -1.14 -9.24
C PRO A 236 -13.58 -0.83 -10.72
N GLU A 237 -14.74 -1.22 -11.24
CA GLU A 237 -15.07 -0.98 -12.63
C GLU A 237 -14.97 0.49 -13.01
N GLU A 238 -15.46 1.38 -12.16
CA GLU A 238 -15.41 2.81 -12.43
C GLU A 238 -13.98 3.32 -12.50
N VAL A 239 -13.09 2.72 -11.72
CA VAL A 239 -11.69 3.13 -11.71
C VAL A 239 -10.99 2.67 -13.00
N ALA A 240 -11.18 1.41 -13.36
CA ALA A 240 -10.57 0.89 -14.57
C ALA A 240 -11.07 1.73 -15.74
N GLU A 241 -12.37 2.00 -15.76
CA GLU A 241 -12.95 2.79 -16.83
C GLU A 241 -12.40 4.21 -16.88
N ALA A 242 -12.22 4.82 -15.70
CA ALA A 242 -11.70 6.19 -15.64
C ALA A 242 -10.24 6.29 -16.09
N VAL A 243 -9.44 5.27 -15.75
CA VAL A 243 -8.04 5.25 -16.14
C VAL A 243 -7.89 5.07 -17.65
N ASN A 244 -8.66 4.16 -18.22
CA ASN A 244 -8.57 3.91 -19.65
C ASN A 244 -9.09 5.09 -20.47
N ARG A 245 -10.16 5.72 -20.02
CA ARG A 245 -10.69 6.87 -20.75
C ARG A 245 -9.67 8.02 -20.67
N ALA A 246 -9.05 8.20 -19.51
CA ALA A 246 -8.05 9.26 -19.36
C ALA A 246 -6.89 9.04 -20.33
N LYS A 247 -6.41 7.81 -20.42
CA LYS A 247 -5.31 7.49 -21.33
C LYS A 247 -5.73 7.75 -22.77
N ALA A 248 -6.95 7.32 -23.12
CA ALA A 248 -7.45 7.54 -24.47
C ALA A 248 -7.52 9.03 -24.79
N GLU A 249 -7.81 9.84 -23.77
CA GLU A 249 -7.92 11.28 -23.97
C GLU A 249 -6.63 12.04 -23.69
N GLY A 250 -5.54 11.32 -23.48
CA GLY A 250 -4.26 11.96 -23.21
C GLY A 250 -4.13 12.65 -21.87
N ARG A 251 -5.00 12.29 -20.91
CA ARG A 251 -4.93 12.89 -19.58
C ARG A 251 -4.03 12.05 -18.66
N ARG A 252 -3.36 12.71 -17.72
CA ARG A 252 -2.43 12.01 -16.83
C ARG A 252 -3.02 11.15 -15.73
N VAL A 253 -2.44 9.97 -15.55
CA VAL A 253 -2.84 9.06 -14.50
C VAL A 253 -1.72 9.20 -13.48
N VAL A 254 -2.05 9.76 -12.32
CA VAL A 254 -1.07 10.00 -11.26
C VAL A 254 -1.24 9.00 -10.13
N ALA A 255 -0.22 8.20 -9.91
CA ALA A 255 -0.27 7.19 -8.87
C ALA A 255 0.15 7.74 -7.51
N VAL A 256 -0.62 7.40 -6.49
CA VAL A 256 -0.29 7.82 -5.14
C VAL A 256 0.19 6.56 -4.45
N GLY A 257 1.51 6.38 -4.44
CA GLY A 257 2.09 5.22 -3.80
C GLY A 257 2.44 4.13 -4.79
N THR A 258 3.44 3.33 -4.44
CA THR A 258 3.90 2.24 -5.28
C THR A 258 2.93 1.05 -5.32
N THR A 259 2.07 0.95 -4.32
CA THR A 259 1.09 -0.12 -4.29
C THR A 259 0.15 0.11 -5.46
N VAL A 260 -0.24 1.36 -5.65
CA VAL A 260 -1.10 1.73 -6.77
C VAL A 260 -0.36 1.46 -8.08
N VAL A 261 0.92 1.83 -8.12
CA VAL A 261 1.70 1.59 -9.33
C VAL A 261 1.69 0.09 -9.70
N ARG A 262 2.03 -0.76 -8.74
CA ARG A 262 2.09 -2.20 -8.97
C ARG A 262 0.74 -2.78 -9.41
N ALA A 263 -0.34 -2.32 -8.78
CA ALA A 263 -1.66 -2.82 -9.14
C ALA A 263 -2.07 -2.39 -10.56
N LEU A 264 -1.94 -1.11 -10.87
CA LEU A 264 -2.30 -0.61 -12.20
C LEU A 264 -1.47 -1.27 -13.31
N GLU A 265 -0.15 -1.32 -13.14
CA GLU A 265 0.70 -1.92 -14.16
C GLU A 265 0.44 -3.42 -14.32
N SER A 266 0.14 -4.10 -13.24
CA SER A 266 -0.15 -5.53 -13.29
C SER A 266 -1.50 -5.83 -13.95
N ALA A 267 -2.43 -4.88 -13.83
CA ALA A 267 -3.78 -5.03 -14.39
C ALA A 267 -3.89 -4.60 -15.85
N TYR A 268 -2.79 -4.10 -16.41
CA TYR A 268 -2.79 -3.66 -17.80
C TYR A 268 -2.76 -4.85 -18.76
N ARG A 269 -3.57 -4.78 -19.81
CA ARG A 269 -3.61 -5.83 -20.82
C ARG A 269 -3.50 -5.14 -22.18
N GLU A 270 -2.53 -5.58 -22.98
CA GLU A 270 -2.32 -4.98 -24.29
C GLU A 270 -3.59 -5.05 -25.15
N GLY A 271 -3.91 -3.94 -25.80
CA GLY A 271 -5.10 -3.88 -26.64
C GLY A 271 -6.36 -3.60 -25.85
N VAL A 272 -6.26 -3.63 -24.53
CA VAL A 272 -7.42 -3.40 -23.67
C VAL A 272 -7.23 -2.22 -22.72
N GLY A 273 -6.12 -2.22 -21.99
CA GLY A 273 -5.86 -1.19 -21.02
C GLY A 273 -5.96 -1.87 -19.67
N VAL A 274 -6.27 -1.12 -18.61
CA VAL A 274 -6.39 -1.68 -17.27
C VAL A 274 -7.73 -2.41 -17.15
N VAL A 275 -7.71 -3.64 -16.65
CA VAL A 275 -8.95 -4.40 -16.49
C VAL A 275 -9.51 -4.33 -15.09
N ALA A 276 -10.83 -4.23 -15.00
CA ALA A 276 -11.53 -4.16 -13.72
C ALA A 276 -11.51 -5.51 -13.02
N GLY A 277 -11.61 -5.49 -11.70
CA GLY A 277 -11.66 -6.74 -10.97
C GLY A 277 -10.45 -7.08 -10.12
N GLU A 278 -10.50 -8.29 -9.57
CA GLU A 278 -9.46 -8.79 -8.71
C GLU A 278 -8.22 -9.15 -9.51
N GLY A 279 -7.09 -9.14 -8.81
CA GLY A 279 -5.83 -9.47 -9.44
C GLY A 279 -4.80 -9.65 -8.36
N GLU A 280 -3.60 -10.00 -8.76
CA GLU A 280 -2.50 -10.22 -7.84
C GLU A 280 -1.22 -9.97 -8.60
N THR A 281 -0.21 -9.42 -7.92
CA THR A 281 1.07 -9.17 -8.58
C THR A 281 2.25 -9.36 -7.66
N ARG A 282 3.26 -10.06 -8.18
CA ARG A 282 4.49 -10.30 -7.45
C ARG A 282 5.62 -9.83 -8.36
N LEU A 283 5.25 -9.05 -9.36
CA LEU A 283 6.19 -8.51 -10.32
C LEU A 283 7.16 -7.56 -9.63
N PHE A 284 8.43 -7.69 -9.98
CA PHE A 284 9.48 -6.86 -9.41
C PHE A 284 9.82 -5.78 -10.41
N ILE A 285 9.20 -4.61 -10.26
CA ILE A 285 9.46 -3.50 -11.17
C ILE A 285 10.82 -2.90 -10.83
N ARG A 286 11.69 -2.86 -11.84
CA ARG A 286 13.03 -2.33 -11.68
C ARG A 286 13.56 -2.01 -13.07
N PRO A 287 14.64 -1.21 -13.16
CA PRO A 287 15.20 -0.86 -14.47
C PRO A 287 15.69 -2.13 -15.17
N PRO A 288 15.36 -2.31 -16.46
CA PRO A 288 14.56 -1.38 -17.26
C PRO A 288 13.09 -1.80 -17.21
N TYR A 289 12.20 -0.83 -17.26
CA TYR A 289 10.76 -1.12 -17.25
C TYR A 289 9.99 0.02 -17.89
N THR A 290 9.08 -0.31 -18.80
CA THR A 290 8.28 0.70 -19.46
C THR A 290 6.90 0.71 -18.82
N PHE A 291 6.53 1.85 -18.23
CA PHE A 291 5.22 1.97 -17.59
C PHE A 291 4.15 2.16 -18.64
N LYS A 292 3.09 1.36 -18.55
CA LYS A 292 1.98 1.41 -19.50
C LYS A 292 0.78 2.22 -18.99
N VAL A 293 0.75 2.50 -17.70
CA VAL A 293 -0.38 3.24 -17.13
C VAL A 293 0.02 4.50 -16.36
N VAL A 294 0.96 4.36 -15.43
CA VAL A 294 1.39 5.47 -14.59
C VAL A 294 2.16 6.56 -15.33
N ASP A 295 1.65 7.79 -15.27
CA ASP A 295 2.29 8.94 -15.93
C ASP A 295 3.06 9.81 -14.94
N ALA A 296 2.73 9.70 -13.66
CA ALA A 296 3.41 10.49 -12.62
C ALA A 296 3.28 9.71 -11.33
N LEU A 297 4.23 9.92 -10.42
CA LEU A 297 4.22 9.18 -9.17
C LEU A 297 4.48 10.02 -7.93
N PHE A 298 3.57 9.88 -6.96
CA PHE A 298 3.67 10.56 -5.67
C PHE A 298 4.05 9.39 -4.76
N THR A 299 5.22 9.47 -4.12
CA THR A 299 5.66 8.38 -3.27
C THR A 299 6.62 8.85 -2.18
N ASN A 300 6.82 8.03 -1.17
CA ASN A 300 7.72 8.40 -0.08
C ASN A 300 9.18 8.29 -0.52
N PHE A 301 10.09 8.63 0.39
CA PHE A 301 11.51 8.50 0.15
C PHE A 301 11.84 7.13 0.74
N HIS A 302 12.30 6.23 -0.12
CA HIS A 302 12.59 4.87 0.28
C HIS A 302 14.04 4.60 0.71
N LEU A 303 14.21 3.56 1.53
CA LEU A 303 15.50 3.17 2.06
C LEU A 303 16.50 2.72 1.00
N PRO A 304 17.80 2.85 1.29
CA PRO A 304 18.87 2.46 0.38
C PRO A 304 18.74 0.97 0.05
N ARG A 305 19.05 0.60 -1.19
CA ARG A 305 18.99 -0.79 -1.61
C ARG A 305 17.63 -1.47 -1.52
N SER A 306 16.58 -0.70 -1.28
CA SER A 306 15.23 -1.25 -1.18
C SER A 306 14.62 -1.53 -2.55
N THR A 307 13.71 -2.49 -2.62
CA THR A 307 13.07 -2.81 -3.89
C THR A 307 12.16 -1.63 -4.29
N LEU A 308 11.69 -0.88 -3.30
CA LEU A 308 10.84 0.28 -3.56
C LEU A 308 11.65 1.37 -4.26
N LEU A 309 12.90 1.54 -3.85
CA LEU A 309 13.78 2.53 -4.47
C LEU A 309 14.03 2.09 -5.92
N MET A 310 14.12 0.78 -6.10
CA MET A 310 14.36 0.21 -7.42
C MET A 310 13.20 0.48 -8.37
N LEU A 311 11.99 0.47 -7.82
CA LEU A 311 10.81 0.74 -8.64
C LEU A 311 10.85 2.23 -9.04
N VAL A 312 11.17 3.11 -8.10
CA VAL A 312 11.24 4.53 -8.44
C VAL A 312 12.33 4.73 -9.49
N ALA A 313 13.45 4.03 -9.34
CA ALA A 313 14.55 4.12 -10.30
C ALA A 313 14.07 3.76 -11.70
N ALA A 314 13.18 2.78 -11.79
CA ALA A 314 12.66 2.35 -13.09
C ALA A 314 11.80 3.45 -13.70
N PHE A 315 11.12 4.21 -12.86
CA PHE A 315 10.24 5.27 -13.32
C PHE A 315 11.00 6.55 -13.65
N LEU A 316 11.88 6.97 -12.75
CA LEU A 316 12.65 8.20 -12.92
C LEU A 316 14.03 8.07 -13.56
N GLY A 317 14.59 6.85 -13.53
CA GLY A 317 15.93 6.64 -14.06
C GLY A 317 16.84 6.43 -12.86
N ARG A 318 17.68 5.40 -12.89
CA ARG A 318 18.54 5.12 -11.75
C ARG A 318 19.47 6.25 -11.32
N GLU A 319 20.26 6.78 -12.25
CA GLU A 319 21.18 7.85 -11.93
C GLU A 319 20.46 9.11 -11.44
N ARG A 320 19.41 9.53 -12.13
CA ARG A 320 18.66 10.72 -11.70
C ARG A 320 18.00 10.48 -10.34
N THR A 321 17.57 9.25 -10.09
CA THR A 321 16.95 8.93 -8.81
C THR A 321 17.96 9.05 -7.67
N LEU A 322 19.14 8.47 -7.85
CA LEU A 322 20.17 8.56 -6.81
C LEU A 322 20.58 10.01 -6.57
N GLU A 323 20.65 10.80 -7.64
CA GLU A 323 21.00 12.21 -7.53
C GLU A 323 19.96 12.94 -6.67
N ALA A 324 18.69 12.72 -6.98
CA ALA A 324 17.60 13.36 -6.24
C ALA A 324 17.60 12.93 -4.78
N TYR A 325 17.92 11.67 -4.53
CA TYR A 325 17.96 11.16 -3.17
C TYR A 325 19.11 11.77 -2.37
N ARG A 326 20.25 11.97 -3.03
CA ARG A 326 21.40 12.58 -2.37
C ARG A 326 21.03 14.02 -2.04
N LEU A 327 20.33 14.67 -2.95
CA LEU A 327 19.89 16.05 -2.73
C LEU A 327 18.93 16.09 -1.55
N ALA A 328 18.00 15.14 -1.51
CA ALA A 328 17.02 15.05 -0.43
C ALA A 328 17.74 14.94 0.91
N VAL A 329 18.75 14.07 0.95
CA VAL A 329 19.53 13.90 2.17
C VAL A 329 20.19 15.23 2.55
N ALA A 330 20.92 15.82 1.61
CA ALA A 330 21.61 17.08 1.83
C ALA A 330 20.67 18.23 2.24
N GLU A 331 19.44 18.20 1.73
CA GLU A 331 18.47 19.25 2.03
C GLU A 331 17.64 19.02 3.30
N GLY A 332 18.01 18.01 4.07
CA GLY A 332 17.31 17.73 5.31
C GLY A 332 15.94 17.06 5.25
N TYR A 333 15.58 16.45 4.13
CA TYR A 333 14.29 15.78 4.04
C TYR A 333 14.25 14.61 5.02
N ARG A 334 13.04 14.24 5.43
CA ARG A 334 12.87 13.12 6.35
C ARG A 334 12.48 11.92 5.48
N PHE A 335 12.97 10.73 5.84
CA PHE A 335 12.74 9.52 5.06
C PHE A 335 11.83 8.48 5.69
N TYR A 336 11.44 7.51 4.86
CA TYR A 336 10.59 6.39 5.26
C TYR A 336 9.11 6.74 5.45
N SER A 337 8.38 5.79 6.01
CA SER A 337 6.94 5.85 6.24
C SER A 337 6.32 7.12 6.81
N LEU A 338 6.98 7.72 7.79
CA LEU A 338 6.45 8.94 8.40
C LEU A 338 7.18 10.17 7.89
N GLY A 339 8.03 9.98 6.89
CA GLY A 339 8.79 11.09 6.35
C GLY A 339 8.10 11.96 5.32
N ASP A 340 8.89 12.54 4.43
CA ASP A 340 8.37 13.42 3.40
C ASP A 340 8.01 12.67 2.14
N ALA A 341 7.66 13.41 1.09
CA ALA A 341 7.26 12.78 -0.15
C ALA A 341 7.97 13.32 -1.38
N MET A 342 7.86 12.56 -2.47
CA MET A 342 8.46 12.93 -3.74
C MET A 342 7.38 12.83 -4.81
N LEU A 343 7.38 13.78 -5.73
CA LEU A 343 6.42 13.75 -6.85
C LEU A 343 7.27 13.75 -8.10
N ILE A 344 7.13 12.69 -8.91
CA ILE A 344 7.89 12.59 -10.14
C ILE A 344 6.95 12.85 -11.31
N LEU A 345 7.26 13.89 -12.08
CA LEU A 345 6.45 14.32 -13.22
C LEU A 345 7.17 14.16 -14.55
C1 CIT B . 2.23 3.12 -0.96
O1 CIT B . 1.30 2.43 -1.47
O2 CIT B . 2.06 4.27 -0.68
C2 CIT B . 3.55 2.43 -0.75
C3 CIT B . 4.68 3.31 -0.16
O7 CIT B . 4.32 3.86 1.11
C4 CIT B . 6.02 2.49 0.03
C5 CIT B . 5.88 1.49 1.23
O3 CIT B . 5.24 0.43 1.29
O4 CIT B . 6.58 1.95 2.23
C6 CIT B . 5.17 4.61 -0.89
O5 CIT B . 5.50 5.69 -0.41
O6 CIT B . 5.14 4.29 -2.13
#